data_3VAI
#
_entry.id   3VAI
#
_cell.length_a   166.028
_cell.length_b   37.435
_cell.length_c   100.559
_cell.angle_alpha   90.000
_cell.angle_beta   125.500
_cell.angle_gamma   90.000
#
_symmetry.space_group_name_H-M   'C 1 2 1'
#
loop_
_entity.id
_entity.type
_entity.pdbx_description
1 polymer 'Splicing factor U2AF 65 kDa subunit'
2 polymer "DNA 5'-D(*UP*UP*(BRU)P*UP*CP*UP*U)-3'"
3 non-polymer '1,4-DIETHYLENE DIOXIDE'
4 non-polymer 'SULFATE ION'
5 non-polymer N,N-BIS(3-D-GLUCONAMIDOPROPYL)DEOXYCHOLAMIDE
6 non-polymer GLYCEROL
7 water water
#
loop_
_entity_poly.entity_id
_entity_poly.type
_entity_poly.pdbx_seq_one_letter_code
_entity_poly.pdbx_strand_id
1 'polypeptide(L)'
;GPLGSARRLYVGNIPFGITEEAMMDFFNAQMRLGGLTQAPGNPVLAVQINQDKNFAFLEFRSVDETTQAMAFDGIIFQGQ
SLKIRRPHDYQPLPGAHKLFIGGLPNYLNDDQVKELLTSFGPLKAFNLVKDSATGLSKGYAFCEYVDINVTDQAIAGLNG
MQLGDKKLLVQRAS
;
A,B
2 'polydeoxyribonucleotide' (DU)(DU)(BRU)(DU)(DC)(DU)(DU) P,E
#
loop_
_chem_comp.id
_chem_comp.type
_chem_comp.name
_chem_comp.formula
BRU DNA linking 5-BROMO-2'-DEOXYURIDINE-5'-MONOPHOSPHATE 'C9 H12 Br N2 O8 P'
CPQ non-polymer N,N-BIS(3-D-GLUCONAMIDOPROPYL)DEOXYCHOLAMIDE 'C42 H75 N3 O15'
DC DNA linking 2'-DEOXYCYTIDINE-5'-MONOPHOSPHATE 'C9 H14 N3 O7 P'
DIO non-polymer '1,4-DIETHYLENE DIOXIDE' 'C4 H8 O2'
DU DNA linking 2'-DEOXYURIDINE-5'-MONOPHOSPHATE 'C9 H13 N2 O8 P'
GOL non-polymer GLYCEROL 'C3 H8 O3'
SO4 non-polymer 'SULFATE ION' 'O4 S -2'
#
# COMPACT_ATOMS: atom_id res chain seq x y z
N GLY A 1 -3.55 17.01 -16.34
CA GLY A 1 -4.18 16.86 -17.70
C GLY A 1 -3.86 17.97 -18.67
N PRO A 2 -4.89 18.54 -19.34
CA PRO A 2 -6.33 18.20 -19.27
C PRO A 2 -6.68 16.78 -19.72
N LEU A 3 -6.00 16.28 -20.76
CA LEU A 3 -6.27 14.94 -21.33
C LEU A 3 -5.30 13.83 -20.88
N GLY A 4 -4.38 14.19 -20.00
CA GLY A 4 -3.42 13.23 -19.46
C GLY A 4 -3.97 12.28 -18.42
N SER A 5 -3.22 11.19 -18.22
CA SER A 5 -3.41 10.21 -17.16
C SER A 5 -4.71 9.41 -17.26
N ALA A 6 -5.25 9.29 -18.47
CA ALA A 6 -6.54 8.62 -18.71
C ALA A 6 -6.54 7.09 -18.67
N ARG A 7 -5.35 6.47 -18.67
CA ARG A 7 -5.21 5.02 -18.78
C ARG A 7 -4.31 4.40 -17.70
N ARG A 8 -4.07 5.15 -16.62
CA ARG A 8 -3.33 4.65 -15.48
C ARG A 8 -4.15 4.74 -14.20
N LEU A 9 -3.90 3.84 -13.27
CA LEU A 9 -4.47 3.93 -11.92
C LEU A 9 -3.42 3.70 -10.83
N TYR A 10 -3.53 4.45 -9.75
CA TYR A 10 -2.79 4.20 -8.49
C TYR A 10 -3.39 3.02 -7.70
N VAL A 11 -2.51 2.13 -7.25
CA VAL A 11 -2.91 1.04 -6.36
C VAL A 11 -2.02 1.10 -5.12
N GLY A 12 -2.64 1.36 -3.97
CA GLY A 12 -1.94 1.36 -2.69
C GLY A 12 -2.24 0.16 -1.79
N ASN A 13 -1.42 0.02 -0.76
CA ASN A 13 -1.50 -1.08 0.18
C ASN A 13 -1.25 -2.45 -0.45
N ILE A 14 -0.37 -2.54 -1.44
CA ILE A 14 -0.08 -3.82 -2.06
C ILE A 14 0.61 -4.76 -1.06
N PRO A 15 0.40 -6.09 -1.19
CA PRO A 15 1.08 -7.06 -0.34
C PRO A 15 2.60 -7.04 -0.48
N PHE A 16 3.30 -7.21 0.64
CA PHE A 16 4.74 -7.14 0.65
C PHE A 16 5.38 -8.23 -0.23
N GLY A 17 6.37 -7.83 -1.03
CA GLY A 17 7.16 -8.77 -1.84
C GLY A 17 6.49 -9.26 -3.12
N ILE A 18 5.28 -8.78 -3.38
CA ILE A 18 4.51 -9.17 -4.57
C ILE A 18 5.23 -8.69 -5.83
N THR A 19 5.14 -9.46 -6.91
CA THR A 19 5.80 -9.13 -8.17
C THR A 19 4.87 -8.35 -9.12
N GLU A 20 5.45 -7.72 -10.13
CA GLU A 20 4.67 -7.01 -11.14
C GLU A 20 3.81 -8.00 -11.95
N GLU A 21 4.40 -9.11 -12.34
CA GLU A 21 3.72 -10.18 -13.06
C GLU A 21 2.47 -10.69 -12.29
N ALA A 22 2.62 -10.90 -10.98
CA ALA A 22 1.56 -11.47 -10.12
C ALA A 22 0.38 -10.52 -9.92
N MET A 23 0.71 -9.23 -9.82
CA MET A 23 -0.30 -8.19 -9.74
C MET A 23 -1.05 -8.05 -11.06
N MET A 24 -0.31 -8.10 -12.16
CA MET A 24 -0.89 -8.08 -13.50
C MET A 24 -1.87 -9.23 -13.71
N ASP A 25 -1.44 -10.43 -13.33
CA ASP A 25 -2.26 -11.66 -13.44
C ASP A 25 -3.52 -11.55 -12.60
N PHE A 26 -3.41 -10.93 -11.44
CA PHE A 26 -4.54 -10.80 -10.54
C PHE A 26 -5.63 -9.90 -11.13
N PHE A 27 -5.21 -8.71 -11.59
CA PHE A 27 -6.15 -7.73 -12.14
C PHE A 27 -6.77 -8.13 -13.45
N ASN A 28 -5.99 -8.81 -14.28
CA ASN A 28 -6.54 -9.35 -15.53
C ASN A 28 -7.59 -10.43 -15.29
N ALA A 29 -7.38 -11.27 -14.28
CA ALA A 29 -8.31 -12.32 -13.92
C ALA A 29 -9.61 -11.76 -13.31
N GLN A 30 -9.48 -10.72 -12.48
CA GLN A 30 -10.66 -10.03 -11.91
C GLN A 30 -11.50 -9.29 -12.95
N MET A 31 -10.85 -8.55 -13.85
CA MET A 31 -11.54 -7.91 -14.95
C MET A 31 -12.44 -8.90 -15.71
N ARG A 32 -11.95 -10.11 -15.95
CA ARG A 32 -12.72 -11.16 -16.64
C ARG A 32 -13.86 -11.76 -15.80
N LEU A 33 -13.54 -12.13 -14.56
CA LEU A 33 -14.50 -12.75 -13.66
C LEU A 33 -15.68 -11.83 -13.29
N GLY A 34 -15.40 -10.54 -13.20
CA GLY A 34 -16.41 -9.53 -12.85
C GLY A 34 -17.14 -8.94 -14.04
N GLY A 35 -16.78 -9.35 -15.26
CA GLY A 35 -17.43 -8.88 -16.48
C GLY A 35 -17.16 -7.43 -16.83
N LEU A 36 -15.97 -6.93 -16.52
CA LEU A 36 -15.65 -5.52 -16.82
C LEU A 36 -14.83 -5.36 -18.11
N THR A 37 -14.29 -6.46 -18.62
CA THR A 37 -13.54 -6.51 -19.88
C THR A 37 -14.49 -6.24 -21.00
N GLN A 38 -14.05 -5.41 -21.96
CA GLN A 38 -14.87 -5.01 -23.11
C GLN A 38 -14.45 -5.63 -24.43
N ALA A 39 -13.34 -6.38 -24.45
CA ALA A 39 -12.93 -7.13 -25.65
C ALA A 39 -12.07 -8.33 -25.23
N PRO A 40 -11.85 -9.29 -26.16
CA PRO A 40 -10.99 -10.43 -25.83
C PRO A 40 -9.56 -10.01 -25.50
N GLY A 41 -8.96 -10.65 -24.49
CA GLY A 41 -7.57 -10.39 -24.15
C GLY A 41 -7.42 -9.62 -22.86
N ASN A 42 -6.19 -9.22 -22.57
CA ASN A 42 -5.82 -8.63 -21.29
C ASN A 42 -5.99 -7.11 -21.29
N PRO A 43 -6.88 -6.57 -20.41
CA PRO A 43 -7.00 -5.12 -20.19
C PRO A 43 -5.81 -4.40 -19.56
N VAL A 44 -5.05 -5.07 -18.69
CA VAL A 44 -3.88 -4.49 -18.02
C VAL A 44 -2.65 -4.88 -18.82
N LEU A 45 -1.91 -3.86 -19.24
CA LEU A 45 -0.76 -4.05 -20.15
C LEU A 45 0.54 -4.14 -19.37
N ALA A 46 0.59 -3.49 -18.21
CA ALA A 46 1.82 -3.34 -17.44
C ALA A 46 1.55 -2.85 -16.01
N VAL A 47 2.50 -3.15 -15.14
CA VAL A 47 2.41 -2.75 -13.73
C VAL A 47 3.79 -2.26 -13.31
N GLN A 48 3.83 -1.13 -12.60
CA GLN A 48 5.09 -0.60 -12.07
C GLN A 48 5.00 -0.49 -10.56
N ILE A 49 5.87 -1.20 -9.86
CA ILE A 49 5.89 -1.23 -8.38
C ILE A 49 7.04 -0.41 -7.78
N ASN A 50 6.69 0.43 -6.82
CA ASN A 50 7.63 1.02 -5.87
C ASN A 50 7.56 0.23 -4.56
N GLN A 51 8.60 -0.57 -4.32
CA GLN A 51 8.61 -1.53 -3.21
C GLN A 51 8.94 -0.86 -1.88
N ASP A 52 9.70 0.22 -1.93
CA ASP A 52 10.02 0.99 -0.75
C ASP A 52 8.75 1.63 -0.14
N LYS A 53 7.88 2.18 -0.98
CA LYS A 53 6.69 2.92 -0.54
C LYS A 53 5.40 2.14 -0.80
N ASN A 54 5.54 0.87 -1.15
CA ASN A 54 4.41 -0.03 -1.18
C ASN A 54 3.22 0.41 -2.00
N PHE A 55 3.46 0.76 -3.27
CA PHE A 55 2.38 1.11 -4.18
C PHE A 55 2.74 0.74 -5.63
N ALA A 56 1.72 0.73 -6.49
CA ALA A 56 1.85 0.40 -7.90
C ALA A 56 1.05 1.36 -8.74
N PHE A 57 1.46 1.46 -10.00
CA PHE A 57 0.67 2.06 -11.07
C PHE A 57 0.38 0.99 -12.11
N LEU A 58 -0.91 0.75 -12.39
CA LEU A 58 -1.33 -0.11 -13.50
C LEU A 58 -1.55 0.72 -14.75
N GLU A 59 -1.15 0.20 -15.91
CA GLU A 59 -1.48 0.82 -17.19
C GLU A 59 -2.45 -0.06 -17.99
N PHE A 60 -3.55 0.54 -18.44
CA PHE A 60 -4.62 -0.15 -19.17
C PHE A 60 -4.56 0.09 -20.70
N ARG A 61 -5.15 -0.82 -21.46
CA ARG A 61 -5.16 -0.71 -22.93
C ARG A 61 -6.17 0.30 -23.43
N SER A 62 -7.18 0.62 -22.61
CA SER A 62 -8.24 1.52 -23.02
C SER A 62 -8.67 2.48 -21.92
N VAL A 63 -9.37 3.53 -22.31
CA VAL A 63 -9.89 4.56 -21.40
C VAL A 63 -11.05 4.06 -20.50
N ASP A 64 -12.00 3.35 -21.11
CA ASP A 64 -13.22 2.92 -20.44
C ASP A 64 -12.96 1.79 -19.44
N GLU A 65 -12.00 0.91 -19.76
CA GLU A 65 -11.59 -0.14 -18.83
C GLU A 65 -10.84 0.37 -17.60
N THR A 66 -10.06 1.43 -17.75
CA THR A 66 -9.47 2.13 -16.61
C THR A 66 -10.56 2.61 -15.65
N THR A 67 -11.59 3.20 -16.21
CA THR A 67 -12.72 3.70 -15.43
C THR A 67 -13.48 2.57 -14.71
N GLN A 68 -13.73 1.46 -15.43
CA GLN A 68 -14.45 0.31 -14.87
C GLN A 68 -13.69 -0.29 -13.67
N ALA A 69 -12.39 -0.44 -13.80
CA ALA A 69 -11.53 -1.04 -12.77
C ALA A 69 -11.53 -0.35 -11.43
N MET A 70 -11.91 0.92 -11.39
CA MET A 70 -12.05 1.63 -10.11
C MET A 70 -13.09 1.02 -9.17
N ALA A 71 -14.00 0.22 -9.74
CA ALA A 71 -15.00 -0.55 -8.96
C ALA A 71 -14.37 -1.62 -8.05
N PHE A 72 -13.10 -1.93 -8.29
CA PHE A 72 -12.35 -2.85 -7.43
C PHE A 72 -11.75 -2.19 -6.19
N ASP A 73 -12.00 -0.91 -5.94
CA ASP A 73 -11.50 -0.26 -4.72
C ASP A 73 -11.95 -1.07 -3.48
N GLY A 74 -10.99 -1.47 -2.66
CA GLY A 74 -11.25 -2.23 -1.45
C GLY A 74 -11.06 -3.72 -1.58
N ILE A 75 -10.85 -4.23 -2.79
CA ILE A 75 -10.71 -5.68 -2.99
C ILE A 75 -9.52 -6.22 -2.16
N ILE A 76 -9.70 -7.40 -1.57
CA ILE A 76 -8.66 -8.03 -0.75
C ILE A 76 -7.76 -8.88 -1.64
N PHE A 77 -6.46 -8.62 -1.56
CA PHE A 77 -5.45 -9.35 -2.30
C PHE A 77 -4.36 -9.77 -1.31
N GLN A 78 -4.26 -11.08 -1.07
CA GLN A 78 -3.32 -11.69 -0.10
C GLN A 78 -3.39 -11.05 1.28
N GLY A 79 -4.62 -10.92 1.78
CA GLY A 79 -4.89 -10.36 3.10
C GLY A 79 -5.01 -8.84 3.13
N GLN A 80 -4.70 -8.18 2.02
CA GLN A 80 -4.60 -6.72 1.99
C GLN A 80 -5.69 -6.06 1.12
N SER A 81 -6.39 -5.10 1.73
CA SER A 81 -7.38 -4.28 1.07
C SER A 81 -6.68 -3.22 0.22
N LEU A 82 -6.82 -3.33 -1.09
CA LEU A 82 -6.17 -2.41 -2.03
C LEU A 82 -6.90 -1.05 -2.17
N LYS A 83 -6.12 0.03 -2.17
CA LYS A 83 -6.62 1.40 -2.34
C LYS A 83 -6.43 1.84 -3.80
N ILE A 84 -7.51 1.84 -4.59
CA ILE A 84 -7.46 2.15 -6.04
C ILE A 84 -7.92 3.59 -6.26
N ARG A 85 -7.07 4.40 -6.91
CA ARG A 85 -7.33 5.84 -7.14
C ARG A 85 -6.89 6.32 -8.54
N ARG A 86 -7.43 7.45 -8.97
CA ARG A 86 -6.90 8.13 -10.15
C ARG A 86 -5.51 8.71 -9.84
N PRO A 87 -4.66 8.84 -10.86
CA PRO A 87 -3.41 9.60 -10.72
C PRO A 87 -3.66 11.03 -10.30
N HIS A 88 -2.75 11.57 -9.47
N HIS A 88 -2.77 11.60 -9.48
CA HIS A 88 -2.75 12.98 -9.03
CA HIS A 88 -2.94 12.99 -9.03
C HIS A 88 -2.95 13.93 -10.21
C HIS A 88 -2.97 13.97 -10.22
N ASP A 89 -2.29 13.61 -11.32
CA ASP A 89 -2.37 14.41 -12.58
C ASP A 89 -3.73 14.40 -13.31
N TYR A 90 -4.59 13.43 -13.01
CA TYR A 90 -5.89 13.29 -13.65
C TYR A 90 -6.86 14.35 -13.15
N GLN A 91 -7.52 15.02 -14.11
CA GLN A 91 -8.57 15.98 -13.83
C GLN A 91 -9.72 15.72 -14.80
N PRO A 92 -10.95 15.67 -14.30
CA PRO A 92 -12.10 15.64 -15.20
C PRO A 92 -12.26 16.95 -15.93
N LEU A 93 -13.01 16.94 -17.02
CA LEU A 93 -13.19 18.14 -17.81
C LEU A 93 -14.11 19.12 -17.04
N PRO A 94 -13.86 20.43 -17.19
CA PRO A 94 -14.58 21.53 -16.53
C PRO A 94 -16.11 21.43 -16.54
N GLY A 95 -16.73 21.62 -15.37
CA GLY A 95 -18.19 21.63 -15.23
C GLY A 95 -18.84 20.26 -15.14
N ALA A 96 -18.01 19.23 -15.03
CA ALA A 96 -18.46 17.85 -15.08
C ALA A 96 -19.24 17.48 -13.84
N HIS A 97 -18.83 18.01 -12.70
CA HIS A 97 -19.47 17.70 -11.42
C HIS A 97 -19.90 18.99 -10.72
N LYS A 98 -20.45 19.93 -11.49
CA LYS A 98 -20.95 21.19 -10.94
C LYS A 98 -22.21 20.92 -10.17
N LEU A 99 -22.35 21.56 -9.03
CA LEU A 99 -23.52 21.40 -8.17
C LEU A 99 -24.35 22.67 -8.14
N PHE A 100 -25.67 22.49 -8.07
CA PHE A 100 -26.63 23.56 -7.79
C PHE A 100 -27.04 23.42 -6.32
N ILE A 101 -27.00 24.52 -5.57
CA ILE A 101 -27.50 24.58 -4.19
C ILE A 101 -28.62 25.59 -4.14
N GLY A 102 -29.83 25.11 -3.92
CA GLY A 102 -31.02 25.94 -3.75
C GLY A 102 -31.67 25.84 -2.39
N GLY A 103 -32.54 26.81 -2.10
CA GLY A 103 -33.25 26.89 -0.82
C GLY A 103 -32.46 27.52 0.33
N LEU A 104 -31.57 28.47 -0.01
CA LEU A 104 -30.74 29.19 0.98
C LEU A 104 -31.41 30.48 1.47
N PRO A 105 -31.30 30.76 2.78
CA PRO A 105 -31.69 32.10 3.28
C PRO A 105 -31.02 33.23 2.48
N ASN A 106 -31.79 34.25 2.11
CA ASN A 106 -31.26 35.29 1.23
C ASN A 106 -30.48 36.39 1.96
N TYR A 107 -30.53 36.38 3.28
CA TYR A 107 -29.77 37.36 4.09
C TYR A 107 -28.30 36.97 4.28
N LEU A 108 -27.95 35.71 3.96
CA LEU A 108 -26.57 35.22 4.07
C LEU A 108 -25.64 35.67 2.93
N ASN A 109 -24.44 36.11 3.28
CA ASN A 109 -23.44 36.50 2.29
C ASN A 109 -22.66 35.29 1.77
N ASP A 110 -21.64 35.57 0.95
CA ASP A 110 -20.90 34.53 0.21
C ASP A 110 -20.08 33.64 1.10
N ASP A 111 -19.34 34.24 2.03
CA ASP A 111 -18.46 33.47 2.92
C ASP A 111 -19.26 32.58 3.89
N GLN A 112 -20.43 33.06 4.28
CA GLN A 112 -21.36 32.34 5.16
C GLN A 112 -21.97 31.11 4.49
N VAL A 113 -22.25 31.21 3.19
CA VAL A 113 -22.75 30.08 2.43
C VAL A 113 -21.62 29.07 2.09
N LYS A 114 -20.44 29.60 1.74
CA LYS A 114 -19.23 28.80 1.48
C LYS A 114 -18.86 27.92 2.68
N GLU A 115 -19.13 28.45 3.88
CA GLU A 115 -18.82 27.77 5.12
C GLU A 115 -19.48 26.39 5.17
N LEU A 116 -20.74 26.32 4.79
CA LEU A 116 -21.48 25.05 4.84
C LEU A 116 -20.93 24.04 3.85
N LEU A 117 -20.46 24.51 2.70
CA LEU A 117 -19.99 23.63 1.62
C LEU A 117 -18.58 23.10 1.86
N THR A 118 -17.70 23.96 2.38
CA THR A 118 -16.32 23.57 2.64
C THR A 118 -16.18 22.64 3.85
N SER A 119 -17.27 22.38 4.58
CA SER A 119 -17.26 21.35 5.62
C SER A 119 -17.07 19.93 5.05
N PHE A 120 -17.42 19.72 3.78
CA PHE A 120 -17.24 18.44 3.10
C PHE A 120 -15.88 18.31 2.40
N GLY A 121 -15.25 19.44 2.09
CA GLY A 121 -13.95 19.46 1.42
C GLY A 121 -13.74 20.74 0.64
N PRO A 122 -12.50 20.98 0.18
CA PRO A 122 -12.19 22.24 -0.52
C PRO A 122 -12.90 22.41 -1.88
N LEU A 123 -13.17 23.66 -2.25
CA LEU A 123 -13.83 23.98 -3.52
C LEU A 123 -12.82 24.57 -4.49
N LYS A 124 -12.98 24.22 -5.77
CA LYS A 124 -12.22 24.86 -6.86
C LYS A 124 -13.04 25.94 -7.60
N ALA A 125 -14.33 26.04 -7.29
CA ALA A 125 -15.22 27.03 -7.90
C ALA A 125 -16.43 27.26 -7.02
N PHE A 126 -16.88 28.52 -6.94
CA PHE A 126 -18.08 28.88 -6.20
C PHE A 126 -18.66 30.20 -6.67
N ASN A 127 -19.98 30.26 -6.85
CA ASN A 127 -20.66 31.55 -7.02
C ASN A 127 -22.07 31.60 -6.43
N LEU A 128 -22.35 32.67 -5.70
CA LEU A 128 -23.66 32.90 -5.09
C LEU A 128 -24.39 33.96 -5.91
N VAL A 129 -25.55 33.60 -6.46
CA VAL A 129 -26.25 34.44 -7.43
C VAL A 129 -26.91 35.62 -6.70
N LYS A 130 -26.60 36.83 -7.15
CA LYS A 130 -27.03 38.06 -6.50
C LYS A 130 -27.65 39.01 -7.50
N ASP A 131 -28.56 39.84 -7.02
CA ASP A 131 -29.15 40.91 -7.83
C ASP A 131 -28.09 42.01 -8.00
N SER A 132 -27.41 42.03 -9.14
CA SER A 132 -26.23 42.91 -9.30
C SER A 132 -26.51 44.40 -9.08
N ALA A 133 -27.73 44.85 -9.39
CA ALA A 133 -28.12 46.26 -9.21
C ALA A 133 -28.20 46.66 -7.73
N THR A 134 -28.80 45.80 -6.90
CA THR A 134 -28.90 46.06 -5.47
C THR A 134 -27.74 45.39 -4.71
N GLY A 135 -27.43 44.15 -5.08
CA GLY A 135 -26.34 43.38 -4.46
C GLY A 135 -26.79 42.21 -3.59
N LEU A 136 -28.10 41.90 -3.61
CA LEU A 136 -28.71 41.03 -2.61
C LEU A 136 -28.95 39.62 -3.14
N SER A 137 -29.01 38.63 -2.27
CA SER A 137 -29.02 37.23 -2.68
C SER A 137 -30.33 36.79 -3.32
N LYS A 138 -30.24 35.81 -4.24
CA LYS A 138 -31.40 35.21 -4.90
C LYS A 138 -31.73 33.85 -4.28
N GLY A 139 -30.90 33.40 -3.34
CA GLY A 139 -31.15 32.19 -2.57
C GLY A 139 -30.59 30.91 -3.15
N TYR A 140 -29.73 31.03 -4.17
CA TYR A 140 -29.11 29.85 -4.79
C TYR A 140 -27.67 30.13 -5.25
N ALA A 141 -26.92 29.04 -5.39
CA ALA A 141 -25.48 29.10 -5.62
C ALA A 141 -25.04 27.91 -6.47
N PHE A 142 -23.84 28.01 -7.05
CA PHE A 142 -23.24 26.91 -7.79
C PHE A 142 -21.86 26.65 -7.24
N CYS A 143 -21.40 25.41 -7.29
CA CYS A 143 -20.04 25.10 -6.86
C CYS A 143 -19.49 23.81 -7.47
N GLU A 144 -18.17 23.66 -7.35
CA GLU A 144 -17.44 22.45 -7.77
C GLU A 144 -16.39 22.12 -6.73
N TYR A 145 -16.35 20.88 -6.28
CA TYR A 145 -15.32 20.43 -5.34
C TYR A 145 -14.00 20.03 -6.05
N VAL A 146 -12.87 20.37 -5.41
CA VAL A 146 -11.51 19.97 -5.83
C VAL A 146 -11.38 18.46 -6.00
N ASP A 147 -11.96 17.74 -5.04
CA ASP A 147 -12.01 16.28 -5.06
C ASP A 147 -13.40 15.91 -5.51
N ILE A 148 -13.49 15.24 -6.65
CA ILE A 148 -14.78 14.88 -7.25
C ILE A 148 -15.55 13.75 -6.55
N ASN A 149 -14.90 13.06 -5.62
CA ASN A 149 -15.53 12.01 -4.81
C ASN A 149 -16.42 12.60 -3.70
N VAL A 150 -16.11 13.85 -3.33
CA VAL A 150 -16.82 14.59 -2.30
C VAL A 150 -18.21 15.06 -2.74
N THR A 151 -18.40 15.18 -4.05
CA THR A 151 -19.65 15.64 -4.67
C THR A 151 -20.87 14.85 -4.17
N ASP A 152 -20.79 13.54 -4.24
CA ASP A 152 -21.88 12.68 -3.75
C ASP A 152 -22.02 12.69 -2.22
N GLN A 153 -20.93 12.98 -1.51
CA GLN A 153 -20.99 13.16 -0.05
C GLN A 153 -21.76 14.43 0.34
N ALA A 154 -21.55 15.51 -0.40
CA ALA A 154 -22.26 16.77 -0.15
C ALA A 154 -23.74 16.66 -0.48
N ILE A 155 -24.07 15.97 -1.58
CA ILE A 155 -25.46 15.74 -1.96
C ILE A 155 -26.17 14.91 -0.89
N ALA A 156 -25.55 13.79 -0.49
CA ALA A 156 -26.06 12.91 0.57
C ALA A 156 -26.27 13.60 1.92
N GLY A 157 -25.35 14.50 2.31
CA GLY A 157 -25.43 15.20 3.58
C GLY A 157 -26.25 16.48 3.62
N LEU A 158 -26.59 17.02 2.45
CA LEU A 158 -27.32 18.31 2.31
C LEU A 158 -28.68 18.25 1.57
N ASN A 159 -28.85 17.34 0.61
CA ASN A 159 -30.10 17.28 -0.14
C ASN A 159 -31.28 16.80 0.71
N GLY A 160 -32.38 17.55 0.63
CA GLY A 160 -33.58 17.24 1.38
C GLY A 160 -33.57 17.64 2.85
N MET A 161 -32.54 18.39 3.27
CA MET A 161 -32.30 18.66 4.70
C MET A 161 -32.80 20.05 5.08
N GLN A 162 -33.14 20.23 6.36
CA GLN A 162 -33.77 21.47 6.82
C GLN A 162 -32.68 22.50 7.12
N LEU A 163 -32.86 23.73 6.63
CA LEU A 163 -31.95 24.85 6.91
C LEU A 163 -32.81 26.08 7.15
N GLY A 164 -33.08 26.35 8.42
CA GLY A 164 -34.05 27.35 8.78
C GLY A 164 -35.42 26.72 8.62
N ASP A 165 -36.33 27.48 8.01
CA ASP A 165 -37.68 26.98 7.76
C ASP A 165 -37.78 26.57 6.28
N LYS A 166 -36.62 26.29 5.68
CA LYS A 166 -36.53 25.96 4.27
C LYS A 166 -35.72 24.68 4.12
N LYS A 167 -36.01 23.91 3.08
CA LYS A 167 -35.38 22.61 2.82
C LYS A 167 -34.43 22.76 1.65
N LEU A 168 -33.21 22.24 1.77
CA LEU A 168 -32.24 22.42 0.69
C LEU A 168 -32.44 21.47 -0.50
N LEU A 169 -32.07 21.95 -1.67
CA LEU A 169 -31.94 21.11 -2.86
C LEU A 169 -30.50 21.18 -3.27
N VAL A 170 -29.83 20.03 -3.30
CA VAL A 170 -28.43 19.91 -3.73
C VAL A 170 -28.40 18.79 -4.77
N GLN A 171 -27.99 19.13 -5.99
CA GLN A 171 -27.99 18.20 -7.11
C GLN A 171 -27.04 18.66 -8.20
N ARG A 172 -26.63 17.74 -9.08
CA ARG A 172 -25.77 18.12 -10.20
C ARG A 172 -26.49 19.13 -11.08
N ALA A 173 -25.78 20.21 -11.40
CA ALA A 173 -26.34 21.35 -12.13
C ALA A 173 -26.85 20.99 -13.53
N SER A 174 -26.39 19.88 -14.09
CA SER A 174 -26.83 19.41 -15.40
C SER A 174 -27.04 17.89 -15.44
N GLY B 1 15.45 -7.76 4.06
CA GLY B 1 15.46 -7.95 5.56
C GLY B 1 14.47 -8.99 6.07
N PRO B 2 13.14 -8.70 5.94
CA PRO B 2 12.06 -9.61 6.43
C PRO B 2 12.01 -10.95 5.67
N LEU B 3 12.05 -10.84 4.33
CA LEU B 3 12.08 -12.00 3.48
C LEU B 3 13.46 -12.69 3.44
N GLY B 4 14.48 -12.13 4.08
CA GLY B 4 15.80 -12.81 4.15
C GLY B 4 15.76 -14.19 4.81
N SER B 5 15.02 -14.28 5.91
CA SER B 5 14.77 -15.55 6.57
C SER B 5 13.76 -16.43 5.82
N ALA B 6 13.10 -15.89 4.81
CA ALA B 6 12.19 -16.68 3.93
C ALA B 6 12.94 -17.50 2.88
N ARG B 7 14.27 -17.28 2.82
CA ARG B 7 15.16 -17.94 1.87
C ARG B 7 16.25 -18.77 2.56
N ARG B 8 16.05 -19.17 3.82
CA ARG B 8 16.99 -20.08 4.49
C ARG B 8 16.30 -21.18 5.31
N LEU B 9 17.07 -22.23 5.56
CA LEU B 9 16.62 -23.38 6.31
C LEU B 9 17.71 -23.88 7.23
N TYR B 10 17.29 -24.32 8.41
CA TYR B 10 18.13 -25.02 9.36
C TYR B 10 18.27 -26.50 9.01
N VAL B 11 19.49 -27.03 9.09
CA VAL B 11 19.76 -28.46 8.85
C VAL B 11 20.53 -29.08 10.03
N GLY B 12 19.91 -30.04 10.70
CA GLY B 12 20.52 -30.73 11.83
C GLY B 12 20.91 -32.16 11.51
N ASN B 13 21.66 -32.77 12.42
CA ASN B 13 22.14 -34.15 12.31
C ASN B 13 23.11 -34.33 11.14
N ILE B 14 23.92 -33.32 10.89
CA ILE B 14 24.87 -33.37 9.79
C ILE B 14 25.99 -34.34 10.17
N PRO B 15 26.54 -35.06 9.17
CA PRO B 15 27.63 -36.01 9.36
C PRO B 15 28.98 -35.35 9.71
N PHE B 16 29.82 -36.09 10.44
CA PHE B 16 31.12 -35.56 10.85
C PHE B 16 32.01 -35.24 9.64
N GLY B 17 32.75 -34.13 9.75
CA GLY B 17 33.79 -33.80 8.78
C GLY B 17 33.31 -33.20 7.47
N ILE B 18 32.01 -32.93 7.36
CA ILE B 18 31.39 -32.49 6.10
C ILE B 18 31.71 -31.02 5.82
N THR B 19 32.01 -30.72 4.57
CA THR B 19 32.37 -29.36 4.17
C THR B 19 31.12 -28.64 3.64
N GLU B 20 31.23 -27.31 3.56
CA GLU B 20 30.14 -26.45 3.09
C GLU B 20 29.85 -26.69 1.61
N GLU B 21 30.90 -26.93 0.83
CA GLU B 21 30.76 -27.25 -0.59
C GLU B 21 30.07 -28.62 -0.82
N ALA B 22 30.29 -29.58 0.07
CA ALA B 22 29.70 -30.92 -0.06
C ALA B 22 28.20 -30.91 0.21
N MET B 23 27.80 -30.19 1.26
CA MET B 23 26.40 -29.92 1.56
C MET B 23 25.70 -29.24 0.39
N MET B 24 26.37 -28.26 -0.22
CA MET B 24 25.84 -27.50 -1.34
C MET B 24 25.55 -28.39 -2.54
N ASP B 25 26.52 -29.23 -2.91
CA ASP B 25 26.36 -30.19 -4.02
C ASP B 25 25.20 -31.20 -3.83
N PHE B 26 25.08 -31.75 -2.62
CA PHE B 26 24.00 -32.69 -2.25
C PHE B 26 22.60 -32.10 -2.43
N PHE B 27 22.39 -30.90 -1.90
CA PHE B 27 21.08 -30.24 -1.98
C PHE B 27 20.68 -29.76 -3.38
N ASN B 28 21.63 -29.24 -4.12
CA ASN B 28 21.41 -28.92 -5.54
C ASN B 28 21.05 -30.17 -6.36
N ALA B 29 21.76 -31.28 -6.10
CA ALA B 29 21.50 -32.55 -6.78
C ALA B 29 20.09 -33.08 -6.46
N GLN B 30 19.69 -32.96 -5.20
CA GLN B 30 18.36 -33.39 -4.77
C GLN B 30 17.22 -32.56 -5.41
N MET B 31 17.40 -31.25 -5.49
CA MET B 31 16.40 -30.36 -6.08
C MET B 31 16.20 -30.60 -7.58
N ARG B 32 17.28 -30.92 -8.29
CA ARG B 32 17.24 -31.21 -9.72
C ARG B 32 16.63 -32.60 -10.00
N LEU B 33 16.92 -33.55 -9.12
CA LEU B 33 16.38 -34.91 -9.21
C LEU B 33 14.84 -34.92 -9.01
N GLY B 34 14.34 -34.19 -8.01
CA GLY B 34 12.90 -34.09 -7.73
C GLY B 34 12.10 -33.16 -8.66
N GLY B 35 12.81 -32.36 -9.48
CA GLY B 35 12.18 -31.30 -10.30
C GLY B 35 11.55 -30.18 -9.47
N LEU B 36 12.17 -29.85 -8.34
CA LEU B 36 11.61 -28.85 -7.41
C LEU B 36 12.15 -27.43 -7.68
N THR B 37 12.90 -27.28 -8.77
CA THR B 37 13.48 -26.00 -9.17
C THR B 37 12.50 -25.20 -10.06
N GLN B 38 12.62 -23.87 -10.01
CA GLN B 38 11.75 -22.97 -10.77
C GLN B 38 12.46 -22.44 -12.07
N ALA B 39 13.77 -22.72 -12.18
CA ALA B 39 14.56 -22.24 -13.28
C ALA B 39 15.79 -23.13 -13.47
N PRO B 40 16.52 -22.90 -14.58
CA PRO B 40 17.84 -23.50 -14.71
C PRO B 40 18.80 -23.01 -13.64
N GLY B 41 19.85 -23.78 -13.41
CA GLY B 41 20.88 -23.42 -12.42
C GLY B 41 20.64 -23.99 -11.03
N ASN B 42 21.42 -23.47 -10.07
CA ASN B 42 21.51 -24.00 -8.70
C ASN B 42 20.75 -23.18 -7.65
N PRO B 43 19.72 -23.76 -7.00
CA PRO B 43 18.93 -23.07 -5.97
C PRO B 43 19.68 -22.63 -4.72
N VAL B 44 20.60 -23.46 -4.22
CA VAL B 44 21.40 -23.12 -3.02
C VAL B 44 22.58 -22.21 -3.41
N LEU B 45 22.58 -21.01 -2.82
CA LEU B 45 23.62 -19.99 -3.02
C LEU B 45 24.77 -20.08 -2.01
N ALA B 46 24.47 -20.47 -0.76
CA ALA B 46 25.50 -20.57 0.28
C ALA B 46 25.07 -21.51 1.41
N VAL B 47 26.06 -22.12 2.07
CA VAL B 47 25.88 -22.83 3.33
C VAL B 47 26.93 -22.45 4.40
N GLN B 48 26.46 -22.29 5.64
CA GLN B 48 27.30 -22.03 6.82
C GLN B 48 27.20 -23.22 7.77
N ILE B 49 28.33 -23.74 8.23
CA ILE B 49 28.33 -24.94 9.09
C ILE B 49 28.92 -24.67 10.48
N ASN B 50 28.20 -25.06 11.55
CA ASN B 50 28.77 -25.11 12.91
C ASN B 50 29.07 -26.58 13.22
N GLN B 51 30.34 -26.94 13.14
CA GLN B 51 30.72 -28.35 13.30
C GLN B 51 30.69 -28.88 14.75
N ASP B 52 30.95 -28.00 15.72
CA ASP B 52 30.87 -28.35 17.17
C ASP B 52 29.46 -28.78 17.61
N LYS B 53 28.44 -28.14 17.04
CA LYS B 53 27.03 -28.39 17.40
C LYS B 53 26.28 -29.10 16.28
N ASN B 54 26.99 -29.55 15.25
CA ASN B 54 26.43 -30.37 14.18
C ASN B 54 25.16 -29.84 13.47
N PHE B 55 25.22 -28.58 13.02
CA PHE B 55 24.14 -28.01 12.26
C PHE B 55 24.67 -27.04 11.19
N ALA B 56 23.84 -26.80 10.18
CA ALA B 56 24.15 -25.84 9.15
C ALA B 56 22.92 -25.01 8.82
N PHE B 57 23.16 -23.87 8.19
CA PHE B 57 22.11 -23.13 7.50
C PHE B 57 22.37 -23.14 5.99
N LEU B 58 21.32 -23.29 5.20
CA LEU B 58 21.40 -23.14 3.75
C LEU B 58 20.66 -21.88 3.37
N GLU B 59 21.17 -21.20 2.36
CA GLU B 59 20.49 -20.03 1.83
C GLU B 59 20.16 -20.32 0.38
N PHE B 60 18.92 -20.02 0.00
CA PHE B 60 18.44 -20.24 -1.35
C PHE B 60 18.27 -18.96 -2.14
N ARG B 61 18.17 -19.10 -3.46
CA ARG B 61 17.93 -17.99 -4.38
C ARG B 61 16.48 -17.49 -4.43
N SER B 62 15.52 -18.28 -3.97
CA SER B 62 14.12 -17.87 -4.01
C SER B 62 13.31 -18.37 -2.82
N VAL B 63 12.23 -17.67 -2.55
CA VAL B 63 11.28 -18.01 -1.49
C VAL B 63 10.56 -19.33 -1.82
N ASP B 64 10.12 -19.50 -3.06
CA ASP B 64 9.40 -20.71 -3.44
C ASP B 64 10.27 -21.99 -3.42
N GLU B 65 11.53 -21.90 -3.82
CA GLU B 65 12.42 -23.08 -3.75
C GLU B 65 12.85 -23.45 -2.33
N THR B 66 12.92 -22.47 -1.43
CA THR B 66 13.14 -22.74 -0.01
C THR B 66 12.00 -23.59 0.56
N THR B 67 10.77 -23.20 0.27
CA THR B 67 9.59 -23.93 0.71
C THR B 67 9.60 -25.36 0.18
N GLN B 68 10.01 -25.53 -1.07
CA GLN B 68 10.12 -26.86 -1.70
C GLN B 68 11.13 -27.77 -1.04
N ALA B 69 12.28 -27.24 -0.62
CA ALA B 69 13.38 -28.03 -0.05
C ALA B 69 13.03 -28.59 1.32
N MET B 70 11.95 -28.08 1.89
CA MET B 70 11.43 -28.53 3.16
C MET B 70 10.93 -29.98 3.10
N ALA B 71 10.57 -30.40 1.89
CA ALA B 71 10.14 -31.77 1.61
C ALA B 71 11.26 -32.79 1.80
N PHE B 72 12.51 -32.33 1.96
CA PHE B 72 13.68 -33.22 2.18
C PHE B 72 13.92 -33.52 3.65
N ASP B 73 13.05 -33.09 4.53
CA ASP B 73 13.14 -33.52 5.92
C ASP B 73 13.21 -35.05 6.01
N GLY B 74 14.25 -35.56 6.67
CA GLY B 74 14.48 -37.01 6.84
C GLY B 74 15.37 -37.66 5.77
N ILE B 75 15.73 -36.91 4.72
CA ILE B 75 16.55 -37.43 3.62
C ILE B 75 17.90 -37.93 4.14
N ILE B 76 18.43 -38.97 3.49
CA ILE B 76 19.67 -39.63 3.91
C ILE B 76 20.89 -38.98 3.23
N PHE B 77 21.82 -38.50 4.06
CA PHE B 77 23.09 -37.95 3.60
C PHE B 77 24.23 -38.62 4.36
N GLN B 78 25.12 -39.29 3.63
CA GLN B 78 26.22 -40.06 4.20
C GLN B 78 25.72 -40.96 5.33
N GLY B 79 24.69 -41.74 5.02
CA GLY B 79 24.14 -42.70 5.97
C GLY B 79 23.27 -42.12 7.06
N GLN B 80 23.09 -40.79 7.05
CA GLN B 80 22.42 -40.10 8.14
C GLN B 80 21.19 -39.35 7.70
N SER B 81 20.20 -39.33 8.58
CA SER B 81 18.91 -38.74 8.30
C SER B 81 18.91 -37.30 8.79
N LEU B 82 18.72 -36.34 7.88
CA LEU B 82 18.81 -34.92 8.21
C LEU B 82 17.48 -34.34 8.71
N LYS B 83 17.57 -33.41 9.64
CA LYS B 83 16.41 -32.69 10.16
C LYS B 83 16.37 -31.29 9.55
N ILE B 84 15.34 -31.00 8.77
CA ILE B 84 15.18 -29.74 8.06
C ILE B 84 14.03 -28.94 8.66
N ARG B 85 14.29 -27.70 9.03
CA ARG B 85 13.30 -26.82 9.66
C ARG B 85 13.47 -25.39 9.18
N ARG B 86 12.45 -24.57 9.41
CA ARG B 86 12.51 -23.12 9.24
C ARG B 86 13.41 -22.47 10.29
N PRO B 87 14.04 -21.33 9.97
CA PRO B 87 14.70 -20.56 11.02
C PRO B 87 13.72 -20.18 12.11
N HIS B 88 14.22 -19.94 13.32
CA HIS B 88 13.35 -19.55 14.41
C HIS B 88 12.73 -18.17 14.18
N ASP B 89 13.37 -17.32 13.39
CA ASP B 89 12.80 -16.01 13.05
C ASP B 89 12.04 -15.93 11.71
N TYR B 90 11.69 -17.08 11.13
CA TYR B 90 10.86 -17.12 9.93
C TYR B 90 9.51 -16.40 10.17
N GLN B 91 9.15 -15.50 9.25
CA GLN B 91 7.83 -14.85 9.25
C GLN B 91 6.92 -15.49 8.19
N PRO B 92 5.93 -16.30 8.62
CA PRO B 92 5.00 -16.91 7.66
C PRO B 92 4.08 -15.90 6.99
N LEU B 93 3.57 -14.94 7.77
CA LEU B 93 2.89 -13.76 7.23
C LEU B 93 3.87 -12.58 7.18
N PRO B 94 4.48 -12.32 6.00
CA PRO B 94 5.44 -11.23 5.91
C PRO B 94 4.79 -9.85 6.00
N GLY B 95 5.55 -8.88 6.52
CA GLY B 95 5.04 -7.51 6.73
C GLY B 95 4.14 -7.34 7.94
N ALA B 96 4.05 -8.37 8.79
CA ALA B 96 3.15 -8.38 9.94
C ALA B 96 3.62 -7.42 11.05
N HIS B 97 4.92 -7.12 11.07
CA HIS B 97 5.51 -6.31 12.14
C HIS B 97 5.99 -4.95 11.63
N LYS B 98 5.53 -4.59 10.44
CA LYS B 98 5.74 -3.25 9.90
C LYS B 98 4.86 -2.27 10.68
N LEU B 99 5.48 -1.16 11.09
CA LEU B 99 4.84 -0.12 11.88
C LEU B 99 4.52 1.11 11.04
N PHE B 100 3.40 1.76 11.34
CA PHE B 100 3.09 3.11 10.86
C PHE B 100 3.37 4.10 12.01
N ILE B 101 4.05 5.21 11.69
CA ILE B 101 4.30 6.29 12.66
C ILE B 101 3.65 7.60 12.16
N GLY B 102 2.63 8.07 12.88
CA GLY B 102 1.87 9.27 12.48
C GLY B 102 1.93 10.37 13.51
N GLY B 103 1.58 11.59 13.12
CA GLY B 103 1.58 12.73 14.03
C GLY B 103 2.96 13.32 14.30
N LEU B 104 3.86 13.12 13.36
CA LEU B 104 5.22 13.67 13.44
C LEU B 104 5.23 15.16 13.12
N PRO B 105 6.03 15.95 13.85
CA PRO B 105 6.30 17.34 13.40
C PRO B 105 6.87 17.36 11.98
N ASN B 106 6.32 18.21 11.13
CA ASN B 106 6.65 18.21 9.67
C ASN B 106 8.00 18.81 9.28
N TYR B 107 8.75 19.29 10.27
CA TYR B 107 10.07 19.83 10.07
C TYR B 107 11.16 18.79 10.29
N LEU B 108 10.79 17.64 10.87
CA LEU B 108 11.75 16.59 11.15
C LEU B 108 12.15 15.86 9.88
N ASN B 109 13.44 15.54 9.74
CA ASN B 109 13.97 14.80 8.60
C ASN B 109 14.13 13.31 8.91
N ASP B 110 14.62 12.55 7.93
CA ASP B 110 14.83 11.09 8.04
C ASP B 110 15.66 10.64 9.23
N ASP B 111 16.81 11.28 9.43
CA ASP B 111 17.72 10.89 10.49
C ASP B 111 17.20 11.21 11.91
N GLN B 112 16.44 12.29 12.02
CA GLN B 112 15.85 12.69 13.28
C GLN B 112 14.73 11.73 13.70
N VAL B 113 13.87 11.35 12.73
CA VAL B 113 12.81 10.38 12.99
C VAL B 113 13.37 8.97 13.34
N LYS B 114 14.43 8.53 12.67
CA LYS B 114 15.10 7.24 12.97
C LYS B 114 15.71 7.20 14.37
N GLU B 115 16.21 8.35 14.81
CA GLU B 115 16.82 8.52 16.12
C GLU B 115 15.82 8.27 17.27
N LEU B 116 14.60 8.75 17.07
CA LEU B 116 13.45 8.45 17.92
C LEU B 116 13.17 6.93 17.98
N LEU B 117 13.22 6.29 16.81
CA LEU B 117 12.94 4.86 16.68
C LEU B 117 14.05 3.90 17.19
N THR B 118 15.31 4.23 16.93
CA THR B 118 16.43 3.32 17.18
C THR B 118 16.90 3.29 18.65
N SER B 119 16.25 4.07 19.52
CA SER B 119 16.44 3.93 20.97
C SER B 119 15.93 2.57 21.47
N PHE B 120 14.98 1.97 20.74
CA PHE B 120 14.49 0.64 21.05
C PHE B 120 15.30 -0.45 20.37
N GLY B 121 16.04 -0.11 19.32
CA GLY B 121 16.92 -1.08 18.69
C GLY B 121 17.12 -0.82 17.21
N PRO B 122 18.04 -1.57 16.59
CA PRO B 122 18.33 -1.45 15.15
C PRO B 122 17.12 -1.69 14.23
N LEU B 123 17.06 -0.95 13.12
CA LEU B 123 15.99 -1.06 12.12
C LEU B 123 16.46 -1.81 10.89
N LYS B 124 15.56 -2.54 10.23
CA LYS B 124 15.89 -3.15 8.93
C LYS B 124 15.32 -2.38 7.74
N ALA B 125 14.24 -1.65 7.96
CA ALA B 125 13.62 -0.81 6.94
C ALA B 125 13.11 0.49 7.56
N PHE B 126 13.20 1.57 6.81
CA PHE B 126 12.62 2.87 7.20
C PHE B 126 12.38 3.77 5.97
N ASN B 127 11.23 4.46 5.95
CA ASN B 127 11.01 5.54 5.01
C ASN B 127 10.10 6.62 5.59
N LEU B 128 10.48 7.89 5.42
CA LEU B 128 9.64 9.03 5.76
C LEU B 128 8.94 9.48 4.48
N VAL B 129 7.62 9.66 4.54
CA VAL B 129 6.87 10.06 3.35
C VAL B 129 6.92 11.58 3.12
N LYS B 130 7.30 11.96 1.90
CA LYS B 130 7.49 13.35 1.54
C LYS B 130 6.68 13.67 0.29
N ASP B 131 6.29 14.93 0.16
CA ASP B 131 5.68 15.41 -1.07
C ASP B 131 6.79 15.57 -2.10
N SER B 132 6.66 14.87 -3.22
CA SER B 132 7.71 14.85 -4.24
C SER B 132 7.91 16.19 -4.97
N ALA B 133 6.89 17.04 -4.99
CA ALA B 133 6.96 18.35 -5.67
C ALA B 133 7.68 19.43 -4.86
N THR B 134 7.66 19.30 -3.53
CA THR B 134 8.37 20.24 -2.66
C THR B 134 9.47 19.58 -1.81
N GLY B 135 9.40 18.26 -1.60
CA GLY B 135 10.36 17.54 -0.76
C GLY B 135 10.08 17.63 0.74
N LEU B 136 8.87 18.08 1.07
CA LEU B 136 8.47 18.40 2.42
C LEU B 136 7.73 17.21 3.00
N SER B 137 8.00 16.91 4.27
CA SER B 137 7.41 15.79 4.98
C SER B 137 5.89 15.88 5.02
N LYS B 138 5.24 14.74 4.81
CA LYS B 138 3.79 14.62 4.97
C LYS B 138 3.42 14.28 6.42
N GLY B 139 4.43 14.03 7.25
CA GLY B 139 4.23 13.84 8.68
C GLY B 139 3.98 12.42 9.11
N TYR B 140 4.22 11.45 8.23
CA TYR B 140 4.19 10.05 8.64
C TYR B 140 5.33 9.22 8.05
N ALA B 141 5.58 8.09 8.69
CA ALA B 141 6.71 7.24 8.35
C ALA B 141 6.31 5.79 8.54
N PHE B 142 7.16 4.89 8.02
CA PHE B 142 7.00 3.45 8.23
C PHE B 142 8.32 2.84 8.62
N CYS B 143 8.29 1.77 9.42
CA CYS B 143 9.55 1.07 9.75
C CYS B 143 9.39 -0.43 10.10
N GLU B 144 10.50 -1.14 10.13
CA GLU B 144 10.54 -2.49 10.68
C GLU B 144 11.86 -2.72 11.43
N TYR B 145 11.75 -3.33 12.61
CA TYR B 145 12.92 -3.64 13.44
C TYR B 145 13.62 -4.93 13.00
N VAL B 146 14.94 -4.99 13.20
CA VAL B 146 15.72 -6.19 12.90
C VAL B 146 15.25 -7.36 13.76
N ASP B 147 15.05 -7.09 15.05
CA ASP B 147 14.45 -8.05 15.97
C ASP B 147 12.97 -7.71 16.09
N ILE B 148 12.11 -8.60 15.61
CA ILE B 148 10.67 -8.32 15.59
C ILE B 148 10.05 -8.33 16.98
N ASN B 149 10.74 -8.89 17.97
CA ASN B 149 10.24 -8.97 19.35
C ASN B 149 10.33 -7.64 20.11
N VAL B 150 11.02 -6.66 19.52
CA VAL B 150 11.11 -5.29 20.02
C VAL B 150 9.88 -4.45 19.60
N THR B 151 9.18 -4.90 18.56
CA THR B 151 8.06 -4.15 17.94
C THR B 151 7.06 -3.58 18.95
N ASP B 152 6.57 -4.45 19.83
CA ASP B 152 5.59 -4.08 20.85
C ASP B 152 6.15 -3.19 21.99
N GLN B 153 7.45 -3.33 22.27
CA GLN B 153 8.17 -2.43 23.18
C GLN B 153 8.25 -1.00 22.61
N ALA B 154 8.42 -0.88 21.30
CA ALA B 154 8.41 0.44 20.65
C ALA B 154 7.00 1.06 20.61
N ILE B 155 5.97 0.28 20.31
CA ILE B 155 4.59 0.77 20.32
C ILE B 155 4.22 1.27 21.72
N ALA B 156 4.51 0.44 22.73
CA ALA B 156 4.27 0.79 24.13
C ALA B 156 4.99 2.08 24.54
N GLY B 157 6.24 2.21 24.13
CA GLY B 157 7.03 3.40 24.44
C GLY B 157 6.65 4.66 23.69
N LEU B 158 6.25 4.52 22.44
CA LEU B 158 6.07 5.69 21.56
C LEU B 158 4.62 6.10 21.33
N ASN B 159 3.70 5.13 21.31
CA ASN B 159 2.31 5.46 20.99
C ASN B 159 1.69 6.40 22.01
N GLY B 160 1.23 7.55 21.53
CA GLY B 160 0.56 8.53 22.38
C GLY B 160 1.53 9.51 23.01
N MET B 161 2.81 9.40 22.65
CA MET B 161 3.83 10.31 23.17
C MET B 161 3.60 11.71 22.61
N GLN B 162 3.48 12.69 23.51
CA GLN B 162 3.48 14.11 23.12
C GLN B 162 4.87 14.46 22.60
N LEU B 163 4.94 14.75 21.30
CA LEU B 163 6.18 15.12 20.64
C LEU B 163 6.09 16.57 20.20
N GLY B 164 6.44 17.47 21.12
CA GLY B 164 6.29 18.89 20.92
C GLY B 164 4.84 19.31 20.91
N ASP B 165 4.34 19.58 19.71
CA ASP B 165 3.06 20.24 19.48
C ASP B 165 1.98 19.21 19.14
N LYS B 166 2.41 17.98 18.91
CA LYS B 166 1.58 16.93 18.33
C LYS B 166 1.68 15.67 19.16
N LYS B 167 0.71 14.77 18.98
CA LYS B 167 0.69 13.46 19.66
C LYS B 167 0.91 12.32 18.66
N LEU B 168 1.91 11.49 18.92
CA LEU B 168 2.24 10.36 18.05
C LEU B 168 1.20 9.23 18.03
N LEU B 169 0.96 8.69 16.83
CA LEU B 169 0.29 7.42 16.64
C LEU B 169 1.31 6.40 16.14
N VAL B 170 1.48 5.30 16.88
CA VAL B 170 2.41 4.25 16.48
C VAL B 170 1.65 2.92 16.61
N GLN B 171 1.52 2.23 15.49
CA GLN B 171 0.75 1.01 15.40
C GLN B 171 1.28 0.17 14.27
N ARG B 172 0.90 -1.10 14.23
CA ARG B 172 1.18 -1.96 13.07
C ARG B 172 0.45 -1.37 11.85
N ALA B 173 1.18 -1.26 10.75
CA ALA B 173 0.70 -0.63 9.53
C ALA B 173 -0.41 -1.45 8.89
N SER B 174 -0.34 -2.76 9.13
CA SER B 174 -1.37 -3.74 8.78
C SER B 174 -0.99 -4.47 7.49
N1 BRU C 3 -0.53 9.02 -6.03
C2 BRU C 3 -1.57 9.14 -6.99
N3 BRU C 3 -2.85 9.05 -6.61
C4 BRU C 3 -3.20 8.85 -5.34
C5 BRU C 3 -2.13 8.72 -4.30
C6 BRU C 3 -0.82 8.82 -4.73
O2 BRU C 3 -1.31 9.34 -8.21
O4 BRU C 3 -4.40 8.78 -5.04
BR BRU C 3 -2.54 8.43 -2.43
C1' BRU C 3 0.87 9.13 -6.47
C2' BRU C 3 1.55 10.39 -5.92
C3' BRU C 3 3.00 9.97 -5.81
C4' BRU C 3 2.93 8.46 -5.57
O3' BRU C 3 3.66 10.22 -7.06
O4' BRU C 3 1.65 8.03 -6.05
C5' BRU C 3 3.10 8.09 -4.09
O5' BRU C 3 2.32 8.97 -3.30
P BRU C 3 2.82 9.48 -1.87
OP1 BRU C 3 4.19 10.10 -1.99
OP2 BRU C 3 1.72 10.22 -1.20
N1 BRU D 3 17.63 -23.20 14.95
C2 BRU D 3 16.64 -22.75 14.05
N3 BRU D 3 15.59 -23.50 13.72
C4 BRU D 3 15.45 -24.73 14.24
C5 BRU D 3 16.49 -25.25 15.19
C6 BRU D 3 17.55 -24.43 15.50
O2 BRU D 3 16.76 -21.61 13.58
O4 BRU D 3 14.45 -25.45 13.95
BR BRU D 3 16.36 -27.01 15.98
C1' BRU D 3 18.77 -22.31 15.24
C2' BRU D 3 18.78 -21.77 16.66
C3' BRU D 3 20.25 -21.54 16.89
C4' BRU D 3 20.95 -22.56 16.01
O3' BRU D 3 20.62 -20.24 16.46
O4' BRU D 3 20.00 -23.01 15.08
C5' BRU D 3 21.48 -23.74 16.80
O5' BRU D 3 20.42 -24.26 17.58
P BRU D 3 20.56 -24.71 19.11
OP1 BRU D 3 21.30 -23.64 19.87
OP2 BRU D 3 19.18 -25.11 19.57
C1 DIO E . -26.82 39.39 1.89
C2 DIO E . -24.77 40.40 1.08
C1' DIO E . -27.33 39.88 0.52
C2' DIO E . -25.04 39.50 -0.14
O1 DIO E . -25.58 40.04 2.22
O1' DIO E . -26.42 39.55 -0.54
C1 DIO F . -11.23 13.05 -18.59
C2 DIO F . -9.00 13.71 -19.20
C1' DIO F . -11.31 12.56 -20.04
C2' DIO F . -8.93 12.25 -19.66
O1 DIO F . -10.18 14.01 -18.45
O1' DIO F . -10.08 11.90 -20.42
S SO4 G . -8.07 9.39 -0.26
O1 SO4 G . -8.73 8.13 0.12
O2 SO4 G . -6.78 9.43 0.43
O3 SO4 G . -7.85 9.53 -1.70
O4 SO4 G . -8.94 10.48 0.16
S SO4 H . 6.89 3.65 -10.01
O1 SO4 H . 6.67 4.34 -11.31
O2 SO4 H . 7.97 2.65 -10.17
O3 SO4 H . 5.62 2.99 -9.63
O4 SO4 H . 7.34 4.61 -8.97
S SO4 I . -0.40 10.42 -20.05
O1 SO4 I . -0.68 8.99 -19.82
O2 SO4 I . -0.69 11.21 -18.84
O3 SO4 I . -1.20 10.95 -21.18
O4 SO4 I . 1.04 10.54 -20.31
S SO4 J . -13.72 9.84 -12.13
O1 SO4 J . -12.54 9.84 -11.24
O2 SO4 J . -13.36 10.23 -13.51
O3 SO4 J . -14.35 8.50 -12.13
O4 SO4 J . -14.67 10.86 -11.64
C1 DIO K . 17.57 2.85 7.51
C2 DIO K . 19.18 1.29 8.26
C1' DIO K . 16.61 1.72 7.14
C2' DIO K . 18.21 0.15 7.90
O1 DIO K . 18.41 2.45 8.61
O1' DIO K . 17.35 0.54 6.83
C1 DIO L . 19.47 -27.03 -15.65
C2 DIO L . 21.13 -27.17 -13.96
C1' DIO L . 20.42 -26.45 -16.69
C2' DIO L . 22.01 -26.36 -14.89
O1 DIO L . 20.18 -27.88 -14.73
O1' DIO L . 21.77 -26.68 -16.26
C1 DIO M . 10.82 17.51 5.59
C2 DIO M . 13.03 18.34 5.91
C1' DIO M . 11.49 16.13 5.53
C2' DIO M . 13.31 17.45 4.69
O1 DIO M . 11.63 18.52 6.18
O1' DIO M . 12.76 16.14 4.88
C1 CPQ N . 16.65 14.88 18.72
C2 CPQ N . 15.29 15.06 18.04
C3 CPQ N . 14.80 17.18 19.43
C4 CPQ N . 13.78 18.01 20.23
C5 CPQ N . 12.46 18.14 19.50
C6 CPQ N . 11.99 16.75 19.08
C7 CPQ N . 10.58 17.00 18.54
C8 CPQ N . 10.05 18.12 19.42
C9 CPQ N . 11.23 18.56 20.32
C10 CPQ N . 12.68 19.08 18.32
C11 CPQ N . 15.52 15.83 16.74
C12 CPQ N . 16.62 13.97 19.94
C13 CPQ N . 16.10 12.58 19.55
C14 CPQ N . 14.72 12.71 18.90
C15 CPQ N . 14.73 13.66 17.70
C16 CPQ N . 13.32 13.70 17.09
C17 CPQ N . 12.35 14.60 17.84
C18 CPQ N . 12.94 15.97 18.19
C19 CPQ N . 14.28 15.82 18.92
C20 CPQ N . 11.09 19.99 20.84
C21 CPQ N . 12.39 20.52 21.46
C22 CPQ N . 9.95 19.96 21.88
C23 CPQ N . 9.63 21.26 22.61
O2 CPQ N . 16.00 11.76 20.73
O4 CPQ N . 13.55 17.44 21.53
C57 CPQ N . 8.65 20.99 23.73
O58 CPQ N . 9.01 20.38 24.73
S SO4 O . 12.05 -14.30 -4.38
O1 SO4 O . 13.15 -14.46 -3.42
O2 SO4 O . 11.26 -13.11 -4.02
O3 SO4 O . 12.66 -14.21 -5.72
O4 SO4 O . 11.12 -15.46 -4.34
S SO4 P . 10.69 -30.05 16.31
O1 SO4 P . 11.83 -30.22 17.22
O2 SO4 P . 10.31 -31.36 15.73
O3 SO4 P . 11.13 -29.09 15.29
O4 SO4 P . 9.49 -29.54 16.99
S SO4 Q . 6.17 -23.83 6.75
O1 SO4 Q . 7.30 -22.95 7.07
O2 SO4 Q . 4.98 -22.97 6.57
O3 SO4 Q . 6.41 -24.58 5.50
O4 SO4 Q . 6.01 -24.79 7.86
C1 GOL R . -2.55 -4.42 16.66
O1 GOL R . -2.82 -5.02 15.39
C2 GOL R . -1.02 -4.29 16.91
O2 GOL R . -0.61 -4.51 18.25
C3 GOL R . -0.55 -2.92 16.45
O3 GOL R . -0.78 -1.88 17.36
#